data_4MF5
#
_entry.id   4MF5
#
_cell.length_a   84.088
_cell.length_b   84.088
_cell.length_c   78.017
_cell.angle_alpha   90.00
_cell.angle_beta   90.00
_cell.angle_gamma   90.00
#
_symmetry.space_group_name_H-M   'P 43 21 2'
#
loop_
_entity.id
_entity.type
_entity.pdbx_description
1 polymer 'Glutathione S-transferase domain'
2 non-polymer 'FORMIC ACID'
3 non-polymer GLUTATHIONE
4 water water
#
_entity_poly.entity_id   1
_entity_poly.type   'polypeptide(L)'
_entity_poly.pdbx_seq_one_letter_code
;MHHHHHHSSGVDLGTENLYFQSMTDLSAFPITKKWPAAHPERLQLYSLPTPNGVKVSIMLEETGLPYEPHLVRFDTNDQL
TPEFMSLNPNNKIPAIIDPNGPDGKPLPLFESGAILIYLADKTGQLIPQDAAGRYEAIQWVMFQMGGIGPMFGQLGFFHK
FAGKEYEDKRPRDRYVAESKRLLGVLEQRLEGREWILGDQYSIADIATFPWVRNLIGFYEAGELVAIQDFPNVQRALAAF
VARPAVVRGLDSPKRG
;
_entity_poly.pdbx_strand_id   A
#
loop_
_chem_comp.id
_chem_comp.type
_chem_comp.name
_chem_comp.formula
FMT non-polymer 'FORMIC ACID' 'C H2 O2'
GSH non-polymer GLUTATHIONE 'C10 H17 N3 O6 S'
#
# COMPACT_ATOMS: atom_id res chain seq x y z
N TYR A 19 11.39 -32.01 22.57
CA TYR A 19 12.19 -32.88 21.64
C TYR A 19 12.16 -32.36 20.21
N PHE A 20 11.09 -31.66 19.83
CA PHE A 20 10.97 -31.13 18.48
C PHE A 20 10.04 -29.94 18.47
N GLN A 21 10.11 -29.22 17.36
CA GLN A 21 9.39 -27.98 17.18
C GLN A 21 7.88 -28.21 17.15
N SER A 22 7.13 -27.33 17.81
CA SER A 22 5.68 -27.33 17.66
C SER A 22 5.34 -26.64 16.34
N MET A 23 4.16 -26.96 15.80
CA MET A 23 3.67 -26.24 14.62
C MET A 23 3.53 -24.78 15.04
N THR A 24 3.70 -23.87 14.09
CA THR A 24 3.75 -22.44 14.39
C THR A 24 2.53 -22.04 15.21
N ASP A 25 2.76 -21.37 16.34
CA ASP A 25 1.65 -20.79 17.09
C ASP A 25 1.85 -19.28 17.24
N LEU A 26 0.82 -18.53 16.90
CA LEU A 26 0.83 -17.07 16.95
C LEU A 26 -0.11 -16.55 18.01
N SER A 27 -0.49 -17.42 18.95
CA SER A 27 -1.45 -17.06 19.99
C SER A 27 -0.93 -15.98 20.94
N ALA A 28 0.38 -15.70 20.93
CA ALA A 28 0.88 -14.56 21.71
C ALA A 28 0.35 -13.21 21.21
N PHE A 29 -0.17 -13.18 19.98
CA PHE A 29 -0.68 -11.95 19.39
C PHE A 29 -2.19 -11.94 19.49
N PRO A 30 -2.76 -11.01 20.27
CA PRO A 30 -4.20 -11.05 20.49
C PRO A 30 -5.04 -10.91 19.22
N ILE A 31 -4.49 -10.33 18.16
CA ILE A 31 -5.25 -10.22 16.92
C ILE A 31 -5.73 -11.58 16.41
N THR A 32 -4.98 -12.63 16.72
CA THR A 32 -5.30 -13.96 16.22
C THR A 32 -6.56 -14.54 16.87
N LYS A 33 -7.06 -13.92 17.95
CA LYS A 33 -8.34 -14.32 18.49
C LYS A 33 -9.46 -13.97 17.51
N LYS A 34 -9.33 -12.85 16.81
CA LYS A 34 -10.35 -12.40 15.87
C LYS A 34 -10.14 -12.99 14.47
N TRP A 35 -8.90 -13.12 14.04
CA TRP A 35 -8.55 -13.68 12.74
C TRP A 35 -7.54 -14.81 12.97
N PRO A 36 -8.03 -16.01 13.34
CA PRO A 36 -7.11 -17.12 13.60
C PRO A 36 -6.34 -17.52 12.35
N ALA A 37 -5.12 -17.97 12.56
CA ALA A 37 -4.26 -18.41 11.46
C ALA A 37 -4.55 -19.85 11.09
N ALA A 38 -5.11 -20.06 9.91
CA ALA A 38 -5.23 -21.43 9.38
C ALA A 38 -3.86 -21.94 8.94
N HIS A 39 -2.96 -21.01 8.62
CA HIS A 39 -1.64 -21.31 8.06
C HIS A 39 -0.60 -20.48 8.82
N PRO A 40 -0.33 -20.85 10.09
CA PRO A 40 0.52 -20.00 10.93
C PRO A 40 1.98 -19.96 10.51
N GLU A 41 2.39 -20.82 9.58
CA GLU A 41 3.70 -20.78 8.97
C GLU A 41 3.86 -19.71 7.90
N ARG A 42 2.75 -19.04 7.56
CA ARG A 42 2.77 -17.99 6.54
C ARG A 42 2.63 -16.62 7.18
N LEU A 43 3.25 -15.63 6.58
CA LEU A 43 3.00 -14.25 6.92
C LEU A 43 1.48 -14.01 6.94
N GLN A 44 1.02 -13.36 8.00
CA GLN A 44 -0.38 -13.04 8.20
C GLN A 44 -0.60 -11.59 7.78
N LEU A 45 -1.58 -11.38 6.90
CA LEU A 45 -1.92 -10.04 6.40
C LEU A 45 -3.33 -9.69 6.88
N TYR A 46 -3.47 -8.56 7.57
CA TYR A 46 -4.76 -8.07 8.06
C TYR A 46 -5.03 -6.80 7.30
N SER A 47 -5.95 -6.87 6.32
CA SER A 47 -6.06 -5.81 5.34
C SER A 47 -7.44 -5.72 4.73
N LEU A 48 -7.55 -4.75 3.83
CA LEU A 48 -8.74 -4.48 3.03
C LEU A 48 -8.18 -3.97 1.71
N PRO A 49 -8.86 -4.19 0.57
CA PRO A 49 -8.26 -3.77 -0.72
C PRO A 49 -8.38 -2.29 -1.07
N THR A 50 -8.07 -1.44 -0.12
CA THR A 50 -7.94 -0.01 -0.33
C THR A 50 -6.52 0.27 -0.80
N PRO A 51 -6.21 1.51 -1.20
CA PRO A 51 -4.84 1.72 -1.74
C PRO A 51 -3.72 1.33 -0.79
N ASN A 52 -3.81 1.67 0.48
CA ASN A 52 -2.73 1.33 1.39
C ASN A 52 -2.64 -0.18 1.59
N GLY A 53 -3.77 -0.88 1.63
CA GLY A 53 -3.76 -2.31 1.78
C GLY A 53 -3.18 -3.03 0.59
N VAL A 54 -3.56 -2.60 -0.61
CA VAL A 54 -3.09 -3.30 -1.79
C VAL A 54 -1.62 -3.07 -2.05
N LYS A 55 -1.00 -2.01 -1.53
CA LYS A 55 0.44 -1.92 -1.64
C LYS A 55 1.05 -3.24 -1.14
N VAL A 56 0.59 -3.71 0.02
CA VAL A 56 1.19 -4.85 0.66
C VAL A 56 0.82 -6.16 -0.03
N SER A 57 -0.46 -6.36 -0.36
CA SER A 57 -0.82 -7.58 -1.08
C SER A 57 -0.15 -7.63 -2.45
N ILE A 58 -0.03 -6.49 -3.15
CA ILE A 58 0.70 -6.47 -4.40
C ILE A 58 2.15 -6.89 -4.18
N MET A 59 2.81 -6.32 -3.17
CA MET A 59 4.20 -6.68 -2.89
C MET A 59 4.35 -8.19 -2.63
N LEU A 60 3.43 -8.75 -1.86
CA LEU A 60 3.45 -10.18 -1.58
C LEU A 60 3.26 -10.99 -2.85
N GLU A 61 2.32 -10.59 -3.71
CA GLU A 61 2.11 -11.29 -4.95
C GLU A 61 3.30 -11.16 -5.90
N GLU A 62 3.93 -9.99 -5.95
CA GLU A 62 5.08 -9.78 -6.82
C GLU A 62 6.25 -10.66 -6.38
N THR A 63 6.52 -10.70 -5.09
CA THR A 63 7.66 -11.45 -4.58
C THR A 63 7.37 -12.93 -4.44
N GLY A 64 6.11 -13.32 -4.47
CA GLY A 64 5.72 -14.71 -4.31
C GLY A 64 5.81 -15.23 -2.88
N LEU A 65 5.98 -14.35 -1.90
CA LEU A 65 6.07 -14.81 -0.54
C LEU A 65 4.70 -15.35 -0.12
N PRO A 66 4.65 -16.55 0.49
CA PRO A 66 3.33 -17.03 0.94
C PRO A 66 2.72 -16.11 1.99
N TYR A 67 1.41 -15.98 1.94
CA TYR A 67 0.73 -15.21 2.97
C TYR A 67 -0.67 -15.69 3.16
N GLU A 68 -1.23 -15.38 4.32
CA GLU A 68 -2.59 -15.71 4.68
C GLU A 68 -3.35 -14.41 4.87
N PRO A 69 -4.27 -14.07 3.95
CA PRO A 69 -5.00 -12.82 4.05
C PRO A 69 -6.19 -12.94 4.98
N HIS A 70 -6.47 -11.85 5.67
CA HIS A 70 -7.60 -11.73 6.58
C HIS A 70 -8.29 -10.41 6.31
N LEU A 71 -9.59 -10.46 6.05
CA LEU A 71 -10.35 -9.28 5.68
C LEU A 71 -10.77 -8.52 6.93
N VAL A 72 -10.27 -7.31 7.06
CA VAL A 72 -10.61 -6.41 8.14
C VAL A 72 -11.71 -5.51 7.63
N ARG A 73 -12.94 -5.82 8.04
CA ARG A 73 -14.12 -5.17 7.50
C ARG A 73 -14.39 -3.84 8.16
N PHE A 74 -14.55 -2.80 7.35
CA PHE A 74 -14.89 -1.49 7.89
C PHE A 74 -16.36 -1.38 8.24
N ASP A 75 -17.21 -2.16 7.57
CA ASP A 75 -18.64 -2.03 7.81
C ASP A 75 -19.01 -2.49 9.22
N THR A 76 -18.20 -3.39 9.78
CA THR A 76 -18.39 -3.85 11.16
C THR A 76 -17.34 -3.26 12.12
N ASN A 77 -16.62 -2.24 11.67
CA ASN A 77 -15.65 -1.54 12.51
C ASN A 77 -14.57 -2.46 13.06
N ASP A 78 -14.15 -3.44 12.26
CA ASP A 78 -13.17 -4.41 12.74
C ASP A 78 -11.85 -3.75 13.13
N GLN A 79 -11.49 -2.67 12.43
CA GLN A 79 -10.22 -1.99 12.66
C GLN A 79 -10.20 -1.25 14.00
N LEU A 80 -11.37 -1.10 14.64
CA LEU A 80 -11.49 -0.42 15.92
C LEU A 80 -11.56 -1.39 17.10
N THR A 81 -11.53 -2.70 16.82
CA THR A 81 -11.55 -3.69 17.89
C THR A 81 -10.25 -3.71 18.67
N PRO A 82 -10.32 -4.11 19.95
CA PRO A 82 -9.07 -4.28 20.71
C PRO A 82 -8.12 -5.29 20.05
N GLU A 83 -8.70 -6.31 19.42
CA GLU A 83 -7.91 -7.34 18.74
C GLU A 83 -7.09 -6.73 17.60
N PHE A 84 -7.72 -5.96 16.72
CA PHE A 84 -6.95 -5.32 15.66
C PHE A 84 -5.95 -4.32 16.23
N MET A 85 -6.42 -3.50 17.18
CA MET A 85 -5.62 -2.45 17.73
C MET A 85 -4.43 -2.95 18.53
N SER A 86 -4.48 -4.21 18.98
CA SER A 86 -3.33 -4.81 19.66
C SER A 86 -2.15 -4.97 18.72
N LEU A 87 -2.41 -5.05 17.42
CA LEU A 87 -1.36 -5.11 16.40
C LEU A 87 -1.06 -3.72 15.86
N ASN A 88 -2.10 -2.97 15.49
CA ASN A 88 -1.91 -1.58 15.03
C ASN A 88 -2.71 -0.63 15.89
N PRO A 89 -2.06 0.02 16.86
CA PRO A 89 -2.79 0.94 17.74
C PRO A 89 -3.34 2.18 17.02
N ASN A 90 -2.91 2.43 15.78
CA ASN A 90 -3.48 3.48 14.96
C ASN A 90 -4.77 3.05 14.24
N ASN A 91 -5.20 1.79 14.41
CA ASN A 91 -6.51 1.37 13.90
C ASN A 91 -6.64 1.43 12.37
N LYS A 92 -5.52 1.27 11.66
CA LYS A 92 -5.53 1.38 10.22
C LYS A 92 -4.97 0.12 9.57
N ILE A 93 -5.52 -0.24 8.44
CA ILE A 93 -4.94 -1.29 7.64
C ILE A 93 -3.90 -0.69 6.68
N PRO A 94 -2.97 -1.51 6.22
CA PRO A 94 -2.72 -2.91 6.56
C PRO A 94 -1.81 -3.07 7.77
N ALA A 95 -1.81 -4.29 8.29
CA ALA A 95 -0.81 -4.71 9.27
C ALA A 95 -0.47 -6.16 8.98
N ILE A 96 0.72 -6.58 9.42
CA ILE A 96 1.18 -7.95 9.25
C ILE A 96 1.73 -8.53 10.53
N ILE A 97 1.77 -9.85 10.58
CA ILE A 97 2.69 -10.56 11.48
C ILE A 97 3.42 -11.58 10.63
N ASP A 98 4.74 -11.42 10.52
CA ASP A 98 5.56 -12.43 9.83
C ASP A 98 6.01 -13.42 10.89
N PRO A 99 5.53 -14.70 10.86
CA PRO A 99 5.97 -15.65 11.89
C PRO A 99 7.47 -15.93 11.82
N ASN A 100 8.06 -15.76 10.64
CA ASN A 100 9.46 -16.05 10.34
CA ASN A 100 9.49 -15.98 10.58
C ASN A 100 10.22 -14.72 10.20
N GLY A 101 10.33 -13.90 11.24
CA GLY A 101 10.91 -12.59 11.11
C GLY A 101 12.40 -12.55 11.40
N PRO A 102 12.95 -11.34 11.39
CA PRO A 102 14.37 -11.20 11.73
C PRO A 102 14.71 -11.79 13.09
N ASP A 103 15.92 -12.29 13.21
CA ASP A 103 16.43 -12.83 14.45
C ASP A 103 15.60 -14.01 14.93
N GLY A 104 14.91 -14.65 13.99
CA GLY A 104 14.18 -15.86 14.27
C GLY A 104 12.99 -15.69 15.20
N LYS A 105 12.36 -14.55 15.16
CA LYS A 105 11.20 -14.28 15.99
C LYS A 105 10.08 -13.71 15.11
N PRO A 106 8.83 -13.85 15.54
CA PRO A 106 7.74 -13.21 14.76
C PRO A 106 7.89 -11.71 14.75
N LEU A 107 7.57 -11.09 13.64
CA LEU A 107 7.63 -9.64 13.49
C LEU A 107 6.24 -9.08 13.24
N PRO A 108 5.67 -8.36 14.22
CA PRO A 108 4.46 -7.57 13.97
C PRO A 108 4.88 -6.26 13.32
N LEU A 109 4.10 -5.75 12.36
CA LEU A 109 4.46 -4.50 11.72
C LEU A 109 3.23 -3.85 11.11
N PHE A 110 3.12 -2.54 11.25
CA PHE A 110 2.12 -1.78 10.53
C PHE A 110 2.82 -0.65 9.78
N GLU A 111 2.02 0.13 9.04
CA GLU A 111 2.44 1.17 8.10
C GLU A 111 2.85 0.53 6.79
N SER A 112 2.04 0.72 5.77
CA SER A 112 2.29 0.12 4.46
C SER A 112 3.71 0.40 3.98
N GLY A 113 4.19 1.63 4.08
CA GLY A 113 5.53 1.95 3.61
C GLY A 113 6.63 1.20 4.34
N ALA A 114 6.45 1.03 5.66
CA ALA A 114 7.40 0.24 6.43
C ALA A 114 7.38 -1.23 6.02
N ILE A 115 6.18 -1.77 5.82
CA ILE A 115 6.01 -3.14 5.39
C ILE A 115 6.67 -3.36 4.02
N LEU A 116 6.55 -2.41 3.11
CA LEU A 116 7.20 -2.55 1.82
C LEU A 116 8.72 -2.68 1.96
N ILE A 117 9.32 -1.82 2.78
CA ILE A 117 10.77 -1.88 3.01
C ILE A 117 11.14 -3.24 3.65
N TYR A 118 10.39 -3.63 4.67
CA TYR A 118 10.64 -4.92 5.32
C TYR A 118 10.60 -6.07 4.30
N LEU A 119 9.54 -6.15 3.51
CA LEU A 119 9.40 -7.25 2.57
C LEU A 119 10.49 -7.22 1.52
N ALA A 120 10.89 -6.05 1.06
CA ALA A 120 11.95 -5.94 0.08
C ALA A 120 13.26 -6.48 0.68
N ASP A 121 13.51 -6.11 1.92
CA ASP A 121 14.72 -6.57 2.61
C ASP A 121 14.69 -8.07 2.87
N LYS A 122 13.52 -8.57 3.28
CA LYS A 122 13.42 -9.97 3.70
C LYS A 122 13.86 -10.91 2.61
N THR A 123 13.42 -10.62 1.39
CA THR A 123 13.84 -11.56 0.33
CA THR A 123 13.46 -11.36 0.12
C THR A 123 14.63 -10.91 -0.78
N GLY A 124 15.11 -9.70 -0.54
CA GLY A 124 16.07 -9.08 -1.47
C GLY A 124 15.44 -8.83 -2.83
N GLN A 125 14.23 -8.33 -2.86
CA GLN A 125 13.52 -8.05 -4.11
C GLN A 125 12.89 -6.68 -4.11
N LEU A 126 12.91 -6.02 -5.27
CA LEU A 126 12.09 -4.82 -5.52
C LEU A 126 12.57 -3.60 -4.76
N ILE A 127 13.84 -3.62 -4.39
CA ILE A 127 14.54 -2.43 -3.90
C ILE A 127 15.94 -2.51 -4.49
N PRO A 128 16.56 -1.39 -4.86
CA PRO A 128 17.92 -1.47 -5.36
C PRO A 128 18.85 -2.08 -4.31
N GLN A 129 19.83 -2.83 -4.76
CA GLN A 129 20.74 -3.45 -3.80
C GLN A 129 21.98 -2.63 -3.53
N ASP A 130 22.15 -1.52 -4.25
CA ASP A 130 23.23 -0.61 -3.92
C ASP A 130 22.71 0.42 -2.91
N ALA A 131 23.63 0.93 -2.09
CA ALA A 131 23.25 1.70 -0.93
C ALA A 131 22.54 2.99 -1.28
N ALA A 132 23.09 3.77 -2.21
CA ALA A 132 22.45 5.00 -2.58
C ALA A 132 21.06 4.72 -3.17
N GLY A 133 20.97 3.70 -4.01
CA GLY A 133 19.70 3.33 -4.61
C GLY A 133 18.65 2.98 -3.57
N ARG A 134 19.08 2.32 -2.49
CA ARG A 134 18.18 2.01 -1.38
CA ARG A 134 18.15 1.98 -1.42
C ARG A 134 17.59 3.27 -0.79
N TYR A 135 18.44 4.25 -0.50
CA TYR A 135 17.95 5.51 0.07
C TYR A 135 17.04 6.26 -0.90
N GLU A 136 17.36 6.22 -2.20
CA GLU A 136 16.48 6.80 -3.19
C GLU A 136 15.10 6.14 -3.19
N ALA A 137 15.08 4.81 -3.09
CA ALA A 137 13.82 4.10 -2.98
C ALA A 137 13.04 4.54 -1.76
N ILE A 138 13.71 4.62 -0.60
CA ILE A 138 13.06 5.03 0.62
C ILE A 138 12.53 6.46 0.47
N GLN A 139 13.32 7.35 -0.14
CA GLN A 139 12.88 8.70 -0.44
C GLN A 139 11.56 8.71 -1.20
N TRP A 140 11.47 7.96 -2.30
CA TRP A 140 10.23 8.00 -3.09
C TRP A 140 9.06 7.33 -2.35
N VAL A 141 9.32 6.31 -1.53
CA VAL A 141 8.28 5.77 -0.68
C VAL A 141 7.81 6.83 0.33
N MET A 142 8.73 7.61 0.90
CA MET A 142 8.36 8.68 1.81
C MET A 142 7.55 9.79 1.13
N PHE A 143 7.92 10.15 -0.11
CA PHE A 143 7.14 11.10 -0.90
C PHE A 143 5.72 10.61 -1.05
N GLN A 144 5.56 9.32 -1.32
CA GLN A 144 4.23 8.74 -1.44
C GLN A 144 3.48 8.79 -0.11
N MET A 145 4.17 8.41 0.97
CA MET A 145 3.51 8.31 2.28
C MET A 145 3.12 9.67 2.84
N GLY A 146 3.95 10.68 2.63
CA GLY A 146 3.71 12.00 3.18
C GLY A 146 2.91 12.92 2.27
N GLY A 147 2.96 12.70 0.97
CA GLY A 147 2.38 13.57 -0.04
C GLY A 147 1.22 12.92 -0.77
N ILE A 148 1.52 11.93 -1.61
CA ILE A 148 0.53 11.29 -2.46
C ILE A 148 -0.67 10.75 -1.67
N GLY A 149 -0.42 9.86 -0.72
CA GLY A 149 -1.53 9.23 -0.02
C GLY A 149 -2.40 10.23 0.72
N PRO A 150 -1.79 11.06 1.56
CA PRO A 150 -2.61 12.00 2.35
C PRO A 150 -3.38 12.98 1.47
N MET A 151 -2.74 13.55 0.45
CA MET A 151 -3.38 14.59 -0.34
C MET A 151 -4.43 14.02 -1.30
N PHE A 152 -4.11 12.92 -1.99
CA PHE A 152 -5.13 12.29 -2.81
C PHE A 152 -6.29 11.86 -1.93
N GLY A 153 -6.00 11.35 -0.74
CA GLY A 153 -7.05 10.95 0.18
C GLY A 153 -7.97 12.09 0.59
N GLN A 154 -7.41 13.27 0.83
CA GLN A 154 -8.24 14.41 1.20
C GLN A 154 -9.10 14.84 0.01
N LEU A 155 -8.54 14.80 -1.20
CA LEU A 155 -9.36 15.09 -2.38
C LEU A 155 -10.49 14.09 -2.49
N GLY A 156 -10.21 12.81 -2.30
CA GLY A 156 -11.25 11.82 -2.33
C GLY A 156 -12.37 12.12 -1.35
N PHE A 157 -12.00 12.52 -0.14
CA PHE A 157 -13.01 12.88 0.84
C PHE A 157 -13.86 14.05 0.33
N PHE A 158 -13.23 15.16 -0.01
CA PHE A 158 -14.01 16.35 -0.34
C PHE A 158 -14.76 16.23 -1.65
N HIS A 159 -14.27 15.44 -2.60
CA HIS A 159 -14.97 15.26 -3.85
C HIS A 159 -16.06 14.21 -3.78
N LYS A 160 -15.72 13.02 -3.29
CA LYS A 160 -16.62 11.87 -3.33
C LYS A 160 -17.49 11.69 -2.09
N PHE A 161 -16.89 11.81 -0.91
CA PHE A 161 -17.57 11.41 0.33
C PHE A 161 -18.26 12.55 1.07
N ALA A 162 -17.72 13.74 1.03
CA ALA A 162 -18.27 14.86 1.82
C ALA A 162 -19.70 15.16 1.35
N GLY A 163 -20.61 15.29 2.30
CA GLY A 163 -22.01 15.54 1.99
C GLY A 163 -22.32 16.98 1.68
N LYS A 164 -23.63 17.23 1.50
CA LYS A 164 -24.12 18.53 1.11
C LYS A 164 -23.87 19.57 2.19
N GLU A 165 -23.60 19.11 3.43
CA GLU A 165 -23.33 20.07 4.49
C GLU A 165 -22.02 20.83 4.25
N TYR A 166 -21.09 20.22 3.50
CA TYR A 166 -19.88 20.88 2.99
C TYR A 166 -20.24 21.51 1.63
N GLU A 167 -21.07 22.55 1.69
CA GLU A 167 -21.36 23.31 0.47
C GLU A 167 -20.18 24.14 -0.08
N ASP A 168 -19.27 24.55 0.81
CA ASP A 168 -18.08 25.24 0.42
C ASP A 168 -17.14 24.27 -0.28
N LYS A 169 -16.84 24.50 -1.58
CA LYS A 169 -15.89 23.66 -2.36
C LYS A 169 -14.43 24.15 -2.33
N ARG A 170 -14.16 25.12 -1.48
CA ARG A 170 -12.79 25.56 -1.28
C ARG A 170 -11.86 24.45 -0.78
N PRO A 171 -12.28 23.61 0.18
CA PRO A 171 -11.39 22.52 0.56
C PRO A 171 -11.14 21.58 -0.62
N ARG A 172 -12.20 21.20 -1.34
CA ARG A 172 -11.99 20.35 -2.50
C ARG A 172 -10.95 20.97 -3.44
N ASP A 173 -11.12 22.24 -3.75
CA ASP A 173 -10.24 22.90 -4.70
C ASP A 173 -8.79 22.97 -4.24
N ARG A 174 -8.59 23.15 -2.94
CA ARG A 174 -7.25 23.09 -2.35
C ARG A 174 -6.58 21.75 -2.67
N TYR A 175 -7.30 20.66 -2.48
CA TYR A 175 -6.74 19.34 -2.70
C TYR A 175 -6.66 18.96 -4.18
N VAL A 176 -7.51 19.55 -5.03
CA VAL A 176 -7.31 19.42 -6.48
C VAL A 176 -5.97 20.04 -6.87
N ALA A 177 -5.73 21.26 -6.43
CA ALA A 177 -4.49 21.94 -6.80
C ALA A 177 -3.28 21.14 -6.31
N GLU A 178 -3.33 20.65 -5.08
CA GLU A 178 -2.20 19.92 -4.54
C GLU A 178 -2.02 18.56 -5.25
N SER A 179 -3.12 17.89 -5.55
CA SER A 179 -3.03 16.61 -6.26
C SER A 179 -2.45 16.80 -7.67
N LYS A 180 -2.86 17.87 -8.36
CA LYS A 180 -2.24 18.20 -9.65
C LYS A 180 -0.74 18.45 -9.49
N ARG A 181 -0.35 19.18 -8.45
CA ARG A 181 1.06 19.47 -8.23
C ARG A 181 1.85 18.19 -8.04
N LEU A 182 1.33 17.29 -7.21
CA LEU A 182 1.97 16.01 -6.97
C LEU A 182 2.05 15.15 -8.22
N LEU A 183 0.99 15.11 -9.01
CA LEU A 183 1.02 14.40 -10.29
C LEU A 183 2.10 14.98 -11.18
N GLY A 184 2.31 16.30 -11.14
CA GLY A 184 3.36 16.92 -11.94
C GLY A 184 4.74 16.49 -11.51
N VAL A 185 4.94 16.30 -10.21
CA VAL A 185 6.22 15.79 -9.72
C VAL A 185 6.46 14.38 -10.27
N LEU A 186 5.46 13.52 -10.17
CA LEU A 186 5.58 12.18 -10.70
CA LEU A 186 5.57 12.17 -10.73
C LEU A 186 5.82 12.20 -12.23
N GLU A 187 5.11 13.07 -12.94
CA GLU A 187 5.23 13.19 -14.39
C GLU A 187 6.65 13.54 -14.80
N GLN A 188 7.21 14.55 -14.19
CA GLN A 188 8.59 14.94 -14.49
C GLN A 188 9.58 13.87 -14.12
N ARG A 189 9.33 13.16 -13.02
CA ARG A 189 10.23 12.10 -12.61
C ARG A 189 10.22 10.94 -13.62
N LEU A 190 9.04 10.63 -14.15
CA LEU A 190 8.89 9.51 -15.07
C LEU A 190 9.34 9.83 -16.48
N GLU A 191 9.62 11.10 -16.79
CA GLU A 191 10.12 11.44 -18.11
C GLU A 191 11.45 10.76 -18.32
N GLY A 192 11.53 9.93 -19.36
CA GLY A 192 12.75 9.22 -19.68
C GLY A 192 13.00 8.02 -18.77
N ARG A 193 12.02 7.61 -17.95
CA ARG A 193 12.17 6.47 -17.07
C ARG A 193 11.01 5.50 -17.27
N GLU A 194 11.30 4.22 -17.16
CA GLU A 194 10.26 3.20 -17.20
CA GLU A 194 10.22 3.24 -17.21
C GLU A 194 9.37 3.30 -15.95
N TRP A 195 10.04 3.32 -14.80
CA TRP A 195 9.44 3.28 -13.48
C TRP A 195 10.07 4.40 -12.65
N ILE A 196 9.59 4.59 -11.43
CA ILE A 196 10.05 5.71 -10.64
C ILE A 196 11.57 5.73 -10.43
N LEU A 197 12.18 4.55 -10.23
CA LEU A 197 13.63 4.46 -10.02
C LEU A 197 14.38 4.19 -11.32
N GLY A 198 13.74 4.24 -12.47
CA GLY A 198 14.42 4.00 -13.74
C GLY A 198 13.94 2.71 -14.35
N ASP A 199 14.89 1.87 -14.77
CA ASP A 199 14.52 0.64 -15.43
C ASP A 199 13.82 -0.35 -14.53
N GLN A 200 14.15 -0.35 -13.24
CA GLN A 200 13.68 -1.43 -12.37
C GLN A 200 12.43 -1.02 -11.60
N TYR A 201 11.36 -1.77 -11.83
CA TYR A 201 10.13 -1.70 -11.04
C TYR A 201 10.49 -1.96 -9.57
N SER A 202 9.86 -1.24 -8.66
CA SER A 202 10.27 -1.29 -7.26
C SER A 202 9.14 -1.01 -6.31
N ILE A 203 9.44 -1.06 -5.02
CA ILE A 203 8.51 -0.66 -4.00
C ILE A 203 8.03 0.77 -4.15
N ALA A 204 8.81 1.66 -4.79
CA ALA A 204 8.30 3.00 -5.02
C ALA A 204 7.05 3.00 -5.91
N ASP A 205 7.08 2.18 -6.95
CA ASP A 205 5.93 2.06 -7.85
C ASP A 205 4.75 1.41 -7.14
N ILE A 206 5.03 0.35 -6.38
CA ILE A 206 4.00 -0.36 -5.65
C ILE A 206 3.31 0.56 -4.63
N ALA A 207 4.08 1.47 -4.01
CA ALA A 207 3.49 2.41 -3.07
C ALA A 207 2.58 3.41 -3.77
N THR A 208 2.97 3.83 -4.97
CA THR A 208 2.43 5.04 -5.60
C THR A 208 1.25 4.75 -6.53
N PHE A 209 1.39 3.79 -7.42
CA PHE A 209 0.37 3.60 -8.46
C PHE A 209 -1.00 3.14 -7.94
N PRO A 210 -1.10 2.42 -6.80
CA PRO A 210 -2.45 2.16 -6.28
C PRO A 210 -3.21 3.44 -5.94
N TRP A 211 -2.49 4.48 -5.53
CA TRP A 211 -3.11 5.76 -5.23
C TRP A 211 -3.50 6.53 -6.48
N VAL A 212 -2.66 6.50 -7.52
CA VAL A 212 -3.03 7.09 -8.79
C VAL A 212 -4.29 6.40 -9.32
N ARG A 213 -4.29 5.07 -9.27
CA ARG A 213 -5.43 4.27 -9.70
C ARG A 213 -6.70 4.72 -8.96
N ASN A 214 -6.63 4.81 -7.64
CA ASN A 214 -7.81 5.16 -6.82
C ASN A 214 -8.28 6.58 -7.11
N LEU A 215 -7.34 7.50 -7.31
CA LEU A 215 -7.68 8.88 -7.55
C LEU A 215 -8.60 9.01 -8.77
N ILE A 216 -8.26 8.29 -9.84
CA ILE A 216 -8.98 8.38 -11.11
C ILE A 216 -10.04 7.29 -11.28
N GLY A 217 -10.10 6.36 -10.36
CA GLY A 217 -11.06 5.26 -10.37
C GLY A 217 -12.12 5.53 -9.32
N PHE A 218 -11.97 4.88 -8.17
CA PHE A 218 -12.93 4.95 -7.08
C PHE A 218 -13.28 6.37 -6.69
N TYR A 219 -12.29 7.26 -6.61
CA TYR A 219 -12.57 8.62 -6.17
C TYR A 219 -13.19 9.49 -7.23
N GLU A 220 -13.17 9.06 -8.49
CA GLU A 220 -13.81 9.81 -9.57
C GLU A 220 -13.26 11.23 -9.70
N ALA A 221 -11.96 11.40 -9.45
CA ALA A 221 -11.32 12.71 -9.48
C ALA A 221 -10.50 12.96 -10.73
N GLY A 222 -10.59 12.07 -11.71
CA GLY A 222 -9.79 12.19 -12.92
C GLY A 222 -10.07 13.39 -13.79
N GLU A 223 -11.31 13.88 -13.76
CA GLU A 223 -11.67 15.10 -14.47
C GLU A 223 -11.14 16.31 -13.71
N LEU A 224 -11.28 16.32 -12.39
CA LEU A 224 -10.77 17.44 -11.59
C LEU A 224 -9.27 17.64 -11.80
N VAL A 225 -8.49 16.54 -11.83
CA VAL A 225 -7.04 16.67 -11.96
C VAL A 225 -6.57 16.65 -13.40
N ALA A 226 -7.46 16.31 -14.33
CA ALA A 226 -7.16 16.20 -15.76
C ALA A 226 -5.97 15.25 -16.00
N ILE A 227 -6.19 13.97 -15.71
CA ILE A 227 -5.14 12.96 -15.73
C ILE A 227 -4.41 12.90 -17.08
N GLN A 228 -5.12 13.23 -18.16
CA GLN A 228 -4.55 13.23 -19.51
C GLN A 228 -3.40 14.23 -19.67
N ASP A 229 -3.24 15.16 -18.72
CA ASP A 229 -2.16 16.10 -18.76
C ASP A 229 -0.84 15.48 -18.33
N PHE A 230 -0.84 14.22 -17.89
CA PHE A 230 0.33 13.56 -17.32
C PHE A 230 0.58 12.27 -18.11
N PRO A 231 1.09 12.37 -19.34
CA PRO A 231 1.18 11.18 -20.19
C PRO A 231 2.15 10.10 -19.65
N ASN A 232 3.27 10.49 -19.06
CA ASN A 232 4.14 9.50 -18.46
C ASN A 232 3.46 8.76 -17.30
N VAL A 233 2.73 9.49 -16.49
CA VAL A 233 1.96 8.85 -15.41
C VAL A 233 0.95 7.88 -16.03
N GLN A 234 0.26 8.29 -17.09
CA GLN A 234 -0.71 7.41 -17.70
C GLN A 234 -0.08 6.14 -18.27
N ARG A 235 1.10 6.28 -18.87
CA ARG A 235 1.85 5.13 -19.36
C ARG A 235 2.19 4.16 -18.26
N ALA A 236 2.77 4.68 -17.20
CA ALA A 236 3.22 3.81 -16.11
C ALA A 236 2.04 3.22 -15.37
N LEU A 237 0.96 3.98 -15.19
CA LEU A 237 -0.23 3.45 -14.54
C LEU A 237 -0.82 2.29 -15.34
N ALA A 238 -0.93 2.47 -16.66
CA ALA A 238 -1.48 1.41 -17.51
C ALA A 238 -0.60 0.15 -17.42
N ALA A 239 0.72 0.32 -17.44
CA ALA A 239 1.62 -0.81 -17.29
C ALA A 239 1.40 -1.48 -15.92
N PHE A 240 1.30 -0.68 -14.88
CA PHE A 240 1.17 -1.18 -13.52
C PHE A 240 -0.07 -2.05 -13.36
N VAL A 241 -1.23 -1.53 -13.78
CA VAL A 241 -2.47 -2.24 -13.52
C VAL A 241 -2.58 -3.52 -14.30
N ALA A 242 -1.82 -3.65 -15.39
CA ALA A 242 -1.83 -4.86 -16.22
C ALA A 242 -0.94 -5.97 -15.68
N ARG A 243 -0.05 -5.68 -14.73
CA ARG A 243 0.82 -6.72 -14.21
C ARG A 243 -0.01 -7.80 -13.52
N PRO A 244 0.24 -9.08 -13.84
CA PRO A 244 -0.63 -10.10 -13.22
C PRO A 244 -0.56 -10.09 -11.69
N ALA A 245 0.60 -9.82 -11.11
CA ALA A 245 0.68 -9.78 -9.65
C ALA A 245 -0.09 -8.61 -9.07
N VAL A 246 -0.16 -7.50 -9.82
CA VAL A 246 -0.96 -6.35 -9.39
C VAL A 246 -2.44 -6.72 -9.41
N VAL A 247 -2.90 -7.35 -10.48
CA VAL A 247 -4.28 -7.77 -10.57
C VAL A 247 -4.61 -8.69 -9.38
N ARG A 248 -3.73 -9.65 -9.06
CA ARG A 248 -4.00 -10.51 -7.90
C ARG A 248 -4.04 -9.71 -6.60
N GLY A 249 -3.06 -8.83 -6.40
CA GLY A 249 -2.98 -8.07 -5.17
C GLY A 249 -4.16 -7.12 -4.95
N LEU A 250 -4.69 -6.58 -6.04
CA LEU A 250 -5.81 -5.65 -5.94
C LEU A 250 -7.06 -6.33 -5.44
N ASP A 251 -7.13 -7.65 -5.52
CA ASP A 251 -8.28 -8.43 -5.09
C ASP A 251 -7.97 -9.26 -3.85
N SER A 252 -7.10 -8.79 -2.99
CA SER A 252 -6.70 -9.54 -1.81
C SER A 252 -6.54 -8.61 -0.62
N PRO A 253 -7.16 -8.92 0.53
CA PRO A 253 -8.05 -10.04 0.81
C PRO A 253 -9.31 -9.98 -0.03
N LYS A 254 -9.97 -11.13 -0.17
CA LYS A 254 -11.16 -11.25 -1.00
C LYS A 254 -12.31 -10.67 -0.22
N ARG A 255 -13.15 -9.88 -0.91
CA ARG A 255 -14.28 -9.17 -0.28
C ARG A 255 -15.28 -10.16 0.32
N GLY A 256 -15.22 -11.39 -0.17
CA GLY A 256 -15.89 -12.52 0.46
C GLY A 256 -15.22 -13.82 0.03
C FMT B . -0.59 3.05 5.88
O1 FMT B . -0.08 3.53 4.86
O2 FMT B . -0.42 1.88 6.30
H FMT B . -1.22 3.68 6.49
C FMT C . -0.23 6.66 8.85
O1 FMT C . 0.54 6.27 7.96
O2 FMT C . -1.36 7.18 8.57
H FMT C . 0.05 6.59 9.89
CG1 GSH D . -3.70 3.29 6.21
CD1 GSH D . -5.01 2.85 5.65
OE1 GSH D . -5.17 2.47 4.48
N2 GSH D . -5.98 2.87 6.51
CA2 GSH D . -7.31 3.38 6.28
C2 GSH D . -8.11 2.72 7.33
O2 GSH D . -7.72 1.59 7.81
CB2 GSH D . -8.06 3.15 4.99
SG2 GSH D . -7.19 2.17 3.79
N3 GSH D . -9.19 3.36 7.74
CA3 GSH D . -9.90 2.91 8.90
C3 GSH D . -10.38 4.10 9.70
O31 GSH D . -10.16 5.24 9.23
O32 GSH D . -10.98 3.93 10.78
HN2 GSH D . -5.84 2.74 7.48
HA2 GSH D . -7.29 4.46 6.47
HB22 GSH D . -8.27 4.13 4.56
HB23 GSH D . -9.01 2.67 5.21
HSG GSH D . -6.64 1.48 4.64
HN3 GSH D . -9.43 4.26 7.34
HA31 GSH D . -9.25 2.30 9.53
HA32 GSH D . -10.75 2.29 8.60
#